data_1A8P
#
_entry.id   1A8P
#
_cell.length_a   68.360
_cell.length_b   76.660
_cell.length_c   52.040
_cell.angle_alpha   90.00
_cell.angle_beta   90.00
_cell.angle_gamma   90.00
#
_symmetry.space_group_name_H-M   'P 21 21 2'
#
loop_
_entity.id
_entity.type
_entity.pdbx_description
1 polymer 'NADPH\:FERREDOXIN OXIDOREDUCTASE'
2 non-polymer 'FLAVIN-ADENINE DINUCLEOTIDE'
3 water water
#
_entity_poly.entity_id   1
_entity_poly.type   'polypeptide(L)'
_entity_poly.pdbx_seq_one_letter_code
;MSNLNVERVLSVHHWNDTLFSFKTTRNPSLRFENGQFVMIGLEVDGRPLMRAYSIASPNYEEHLEFFSIKVQNGPLTSRL
QHLKEGDELMVSRKPTGTLVTSDLLPGKHLYMLSTGTGLAPFMSLIQDPEVYERFEKVVLIHGVRQVNELAYQQFITEHL
PQSEYFGEAVKEKLIYYPTVTRESFHNQGRLTDLMRSGKLFEDIGLPPINPQDDRAMICGSPSMLDESCEVLDGFGLKIS
PRMGEPGDYLIERAFVEK
;
_entity_poly.pdbx_strand_id   A
#
# COMPACT_ATOMS: atom_id res chain seq x y z
N SER A 2 29.30 -6.89 -1.97
CA SER A 2 27.84 -6.97 -1.71
C SER A 2 27.22 -5.58 -1.61
N ASN A 3 26.32 -5.27 -2.53
CA ASN A 3 25.64 -3.97 -2.55
C ASN A 3 24.31 -4.03 -1.78
N LEU A 4 24.39 -4.49 -0.53
CA LEU A 4 23.23 -4.61 0.34
C LEU A 4 23.48 -3.96 1.70
N ASN A 5 22.55 -3.11 2.15
CA ASN A 5 22.67 -2.45 3.45
C ASN A 5 22.23 -3.43 4.55
N VAL A 6 22.80 -3.28 5.74
CA VAL A 6 22.42 -4.13 6.85
C VAL A 6 21.68 -3.26 7.88
N GLU A 7 20.38 -3.52 8.05
CA GLU A 7 19.56 -2.77 9.01
C GLU A 7 19.22 -3.67 10.21
N ARG A 8 18.82 -3.07 11.34
CA ARG A 8 18.47 -3.84 12.52
C ARG A 8 17.03 -3.54 12.90
N VAL A 9 16.33 -4.55 13.37
CA VAL A 9 14.92 -4.44 13.73
C VAL A 9 14.69 -3.69 15.04
N LEU A 10 13.91 -2.62 14.94
CA LEU A 10 13.58 -1.76 16.08
C LEU A 10 12.34 -2.22 16.84
N SER A 11 11.43 -2.88 16.14
CA SER A 11 10.19 -3.37 16.77
C SER A 11 9.34 -4.15 15.76
N VAL A 12 8.48 -5.03 16.29
CA VAL A 12 7.60 -5.84 15.47
C VAL A 12 6.21 -5.83 16.09
N HIS A 13 5.19 -6.07 15.29
CA HIS A 13 3.83 -6.08 15.80
C HIS A 13 2.97 -7.02 14.95
N HIS A 14 2.34 -7.99 15.61
CA HIS A 14 1.48 -8.94 14.90
C HIS A 14 0.02 -8.55 14.94
N TRP A 15 -0.60 -8.47 13.76
CA TRP A 15 -2.03 -8.10 13.66
C TRP A 15 -2.91 -9.34 13.91
N ASN A 16 -2.54 -10.44 13.26
CA ASN A 16 -3.22 -11.72 13.39
C ASN A 16 -2.22 -12.82 13.01
N ASP A 17 -2.70 -14.06 12.88
CA ASP A 17 -1.80 -15.16 12.56
C ASP A 17 -1.26 -15.23 11.12
N THR A 18 -1.64 -14.27 10.30
CA THR A 18 -1.17 -14.26 8.91
C THR A 18 -0.55 -12.91 8.52
N LEU A 19 -0.59 -11.95 9.44
CA LEU A 19 -0.05 -10.61 9.19
C LEU A 19 0.76 -10.06 10.34
N PHE A 20 1.79 -9.28 10.00
CA PHE A 20 2.64 -8.63 10.99
C PHE A 20 3.45 -7.52 10.35
N SER A 21 3.79 -6.51 11.16
CA SER A 21 4.58 -5.39 10.71
C SER A 21 5.85 -5.27 11.55
N PHE A 22 6.86 -4.61 11.01
CA PHE A 22 8.12 -4.40 11.73
C PHE A 22 8.84 -3.14 11.22
N LYS A 23 9.56 -2.47 12.12
CA LYS A 23 10.31 -1.26 11.79
C LYS A 23 11.81 -1.54 11.92
N THR A 24 12.60 -0.88 11.08
CA THR A 24 14.04 -1.06 11.11
C THR A 24 14.73 0.29 10.97
N THR A 25 16.05 0.29 11.13
CA THR A 25 16.84 1.49 10.98
C THR A 25 16.90 1.75 9.47
N ARG A 26 17.32 2.94 9.06
CA ARG A 26 17.44 3.24 7.65
C ARG A 26 18.74 3.96 7.32
N ASN A 27 19.54 3.36 6.44
CA ASN A 27 20.81 3.92 5.98
C ASN A 27 20.42 5.10 5.11
N PRO A 28 20.98 6.29 5.37
CA PRO A 28 20.68 7.49 4.59
C PRO A 28 20.98 7.42 3.08
N SER A 29 21.68 6.39 2.65
CA SER A 29 21.98 6.24 1.23
C SER A 29 20.75 5.72 0.49
N LEU A 30 19.84 5.10 1.22
CA LEU A 30 18.60 4.59 0.65
C LEU A 30 17.60 5.72 0.53
N ARG A 31 17.40 6.17 -0.69
CA ARG A 31 16.45 7.24 -0.94
C ARG A 31 15.35 6.61 -1.76
N PHE A 32 14.11 7.03 -1.53
CA PHE A 32 12.99 6.50 -2.29
C PHE A 32 11.83 7.46 -2.42
N GLU A 33 10.96 7.15 -3.38
CA GLU A 33 9.75 7.91 -3.64
C GLU A 33 8.64 7.12 -2.95
N ASN A 34 7.76 7.80 -2.23
CA ASN A 34 6.67 7.11 -1.55
C ASN A 34 5.81 6.27 -2.52
N GLY A 35 5.71 4.98 -2.22
CA GLY A 35 4.94 4.07 -3.06
C GLY A 35 5.84 3.03 -3.72
N GLN A 36 7.15 3.26 -3.69
CA GLN A 36 8.13 2.33 -4.29
C GLN A 36 8.45 1.13 -3.42
N PHE A 37 9.06 0.13 -4.04
CA PHE A 37 9.45 -1.08 -3.34
C PHE A 37 10.96 -1.33 -3.43
N VAL A 38 11.44 -2.16 -2.52
CA VAL A 38 12.85 -2.49 -2.47
C VAL A 38 12.93 -3.98 -2.16
N MET A 39 14.13 -4.55 -2.11
CA MET A 39 14.26 -5.97 -1.78
C MET A 39 14.80 -6.11 -0.37
N ILE A 40 14.20 -7.02 0.41
CA ILE A 40 14.67 -7.25 1.76
C ILE A 40 14.85 -8.74 1.94
N GLY A 41 15.72 -9.14 2.84
CA GLY A 41 15.92 -10.56 3.02
C GLY A 41 16.83 -10.94 4.15
N LEU A 42 16.98 -12.26 4.29
CA LEU A 42 17.80 -12.86 5.34
C LEU A 42 18.83 -13.81 4.74
N GLU A 43 19.96 -13.95 5.43
CA GLU A 43 21.03 -14.85 5.03
C GLU A 43 20.60 -16.26 5.44
N VAL A 44 20.45 -17.16 4.47
CA VAL A 44 20.06 -18.54 4.74
C VAL A 44 20.83 -19.58 3.89
N ASP A 45 21.65 -20.38 4.57
CA ASP A 45 22.45 -21.42 3.91
C ASP A 45 23.33 -20.99 2.74
N GLY A 46 24.19 -20.00 2.97
CA GLY A 46 25.10 -19.55 1.93
C GLY A 46 24.70 -18.33 1.11
N ARG A 47 23.41 -18.18 0.85
CA ARG A 47 22.91 -17.06 0.05
C ARG A 47 21.81 -16.24 0.71
N PRO A 48 21.73 -14.94 0.41
CA PRO A 48 20.69 -14.12 1.01
C PRO A 48 19.39 -14.46 0.27
N LEU A 49 18.31 -14.64 1.03
CA LEU A 49 17.00 -14.96 0.49
C LEU A 49 16.26 -13.62 0.37
N MET A 50 16.21 -13.06 -0.84
CA MET A 50 15.59 -11.76 -1.03
C MET A 50 14.20 -11.77 -1.64
N ARG A 51 13.38 -10.79 -1.22
CA ARG A 51 12.02 -10.65 -1.72
C ARG A 51 11.66 -9.18 -1.87
N ALA A 52 10.78 -8.92 -2.82
CA ALA A 52 10.30 -7.58 -3.12
C ALA A 52 9.31 -7.17 -2.04
N TYR A 53 9.46 -5.95 -1.50
CA TYR A 53 8.57 -5.43 -0.45
C TYR A 53 8.40 -3.95 -0.59
N SER A 54 7.14 -3.50 -0.56
CA SER A 54 6.83 -2.08 -0.65
C SER A 54 7.21 -1.44 0.68
N ILE A 55 7.70 -0.21 0.64
CA ILE A 55 8.05 0.45 1.88
C ILE A 55 6.76 1.08 2.47
N ALA A 56 6.43 0.66 3.68
CA ALA A 56 5.22 1.13 4.36
C ALA A 56 5.38 2.39 5.23
N SER A 57 6.53 3.06 5.13
CA SER A 57 6.80 4.28 5.91
C SER A 57 7.10 5.45 4.95
N PRO A 58 6.83 6.70 5.37
CA PRO A 58 7.08 7.91 4.57
C PRO A 58 8.57 8.16 4.41
N ASN A 59 8.99 8.64 3.24
CA ASN A 59 10.40 8.86 2.99
C ASN A 59 11.11 9.95 3.78
N TYR A 60 10.37 10.74 4.56
CA TYR A 60 11.02 11.77 5.34
C TYR A 60 11.47 11.26 6.71
N GLU A 61 11.03 10.06 7.08
CA GLU A 61 11.41 9.47 8.36
C GLU A 61 12.72 8.72 8.25
N GLU A 62 13.48 8.72 9.35
CA GLU A 62 14.78 8.06 9.40
C GLU A 62 14.74 6.63 9.94
N HIS A 63 13.79 5.86 9.42
CA HIS A 63 13.60 4.46 9.76
C HIS A 63 12.69 3.91 8.67
N LEU A 64 12.60 2.58 8.59
CA LEU A 64 11.74 1.93 7.59
C LEU A 64 10.72 1.05 8.28
N GLU A 65 9.59 0.85 7.61
CA GLU A 65 8.56 -0.03 8.16
C GLU A 65 8.06 -0.92 7.02
N PHE A 66 7.80 -2.18 7.35
CA PHE A 66 7.33 -3.14 6.37
C PHE A 66 6.09 -3.86 6.90
N PHE A 67 5.14 -4.10 5.99
CA PHE A 67 3.88 -4.78 6.29
C PHE A 67 4.01 -6.12 5.55
N SER A 68 4.06 -7.22 6.30
CA SER A 68 4.27 -8.53 5.72
C SER A 68 3.21 -9.61 5.92
N ILE A 69 3.21 -10.57 5.00
CA ILE A 69 2.31 -11.71 5.07
C ILE A 69 3.11 -12.84 5.74
N LYS A 70 2.41 -13.86 6.20
CA LYS A 70 3.02 -15.02 6.82
C LYS A 70 2.49 -16.23 6.06
N VAL A 71 3.33 -16.76 5.18
CA VAL A 71 2.97 -17.91 4.38
C VAL A 71 3.51 -19.17 5.04
N GLN A 72 2.69 -20.21 5.04
CA GLN A 72 3.02 -21.51 5.64
C GLN A 72 4.46 -21.91 5.31
N ASN A 73 4.72 -22.09 4.03
CA ASN A 73 6.07 -22.41 3.54
C ASN A 73 6.70 -21.06 3.22
N GLY A 74 7.95 -20.86 3.59
CA GLY A 74 8.59 -19.60 3.29
C GLY A 74 9.01 -19.60 1.83
N PRO A 75 10.31 -19.74 1.57
CA PRO A 75 11.26 -19.89 2.67
C PRO A 75 11.57 -18.61 3.43
N LEU A 76 11.04 -17.46 2.97
CA LEU A 76 11.30 -16.22 3.69
C LEU A 76 10.38 -15.94 4.87
N THR A 77 9.08 -15.80 4.62
CA THR A 77 8.15 -15.50 5.71
C THR A 77 8.02 -16.57 6.76
N SER A 78 8.43 -17.80 6.44
CA SER A 78 8.36 -18.87 7.42
C SER A 78 9.41 -18.57 8.48
N ARG A 79 10.44 -17.82 8.09
CA ARG A 79 11.50 -17.45 9.00
C ARG A 79 11.29 -16.04 9.48
N LEU A 80 10.90 -15.16 8.56
CA LEU A 80 10.69 -13.75 8.85
C LEU A 80 9.69 -13.49 9.99
N GLN A 81 8.72 -14.39 10.14
CA GLN A 81 7.68 -14.28 11.18
C GLN A 81 8.24 -14.32 12.60
N HIS A 82 9.44 -14.87 12.75
CA HIS A 82 10.09 -14.96 14.04
C HIS A 82 11.00 -13.77 14.29
N LEU A 83 10.92 -12.75 13.45
CA LEU A 83 11.77 -11.56 13.63
C LEU A 83 11.60 -10.98 15.02
N LYS A 84 12.72 -10.66 15.64
CA LYS A 84 12.74 -10.10 16.98
C LYS A 84 13.49 -8.80 16.95
N GLU A 85 13.26 -7.97 17.95
CA GLU A 85 13.93 -6.68 18.07
C GLU A 85 15.42 -6.94 18.19
N GLY A 86 16.20 -6.32 17.35
CA GLY A 86 17.63 -6.51 17.40
C GLY A 86 18.14 -7.38 16.26
N ASP A 87 17.25 -8.16 15.66
CA ASP A 87 17.62 -9.02 14.54
C ASP A 87 18.06 -8.16 13.37
N GLU A 88 18.93 -8.70 12.52
CA GLU A 88 19.41 -7.96 11.37
C GLU A 88 18.73 -8.36 10.08
N LEU A 89 18.66 -7.42 9.15
CA LEU A 89 18.00 -7.64 7.89
C LEU A 89 18.77 -6.99 6.76
N MET A 90 18.76 -7.62 5.59
CA MET A 90 19.44 -7.07 4.42
C MET A 90 18.42 -6.37 3.52
N VAL A 91 18.78 -5.17 3.05
CA VAL A 91 17.91 -4.34 2.21
C VAL A 91 18.71 -3.91 0.98
N SER A 92 18.12 -3.92 -0.21
CA SER A 92 18.85 -3.50 -1.40
C SER A 92 19.13 -2.01 -1.40
N ARG A 93 19.96 -1.58 -2.36
CA ARG A 93 20.37 -0.18 -2.45
C ARG A 93 19.47 0.76 -3.23
N LYS A 94 18.83 0.27 -4.28
CA LYS A 94 17.99 1.11 -5.11
C LYS A 94 16.53 0.67 -5.28
N PRO A 95 15.59 1.51 -4.84
CA PRO A 95 14.15 1.25 -4.92
C PRO A 95 13.68 1.38 -6.35
N THR A 96 12.51 0.84 -6.64
CA THR A 96 11.95 0.92 -7.99
C THR A 96 10.45 0.73 -7.85
N GLY A 97 9.74 0.59 -8.96
CA GLY A 97 8.29 0.42 -8.88
C GLY A 97 7.50 1.41 -9.69
N THR A 98 6.24 1.07 -9.95
CA THR A 98 5.34 1.89 -10.76
C THR A 98 4.33 2.75 -10.00
N LEU A 99 4.22 2.54 -8.70
CA LEU A 99 3.28 3.29 -7.88
C LEU A 99 3.80 4.60 -7.30
N VAL A 100 3.99 5.58 -8.17
CA VAL A 100 4.47 6.91 -7.79
C VAL A 100 3.57 7.99 -8.35
N THR A 101 3.31 9.03 -7.56
CA THR A 101 2.44 10.12 -7.97
C THR A 101 2.88 10.90 -9.22
N SER A 102 4.16 10.82 -9.58
CA SER A 102 4.67 11.54 -10.75
C SER A 102 4.13 11.03 -12.08
N ASP A 103 3.71 9.77 -12.12
CA ASP A 103 3.17 9.18 -13.36
C ASP A 103 1.65 9.30 -13.41
N LEU A 104 1.14 10.20 -12.58
CA LEU A 104 -0.27 10.47 -12.48
C LEU A 104 -0.53 11.86 -13.06
N LEU A 105 -1.38 11.92 -14.08
CA LEU A 105 -1.74 13.19 -14.69
C LEU A 105 -2.53 13.94 -13.62
N PRO A 106 -2.47 15.28 -13.62
CA PRO A 106 -3.21 16.06 -12.62
C PRO A 106 -4.71 15.76 -12.54
N GLY A 107 -5.24 15.81 -11.33
CA GLY A 107 -6.66 15.55 -11.12
C GLY A 107 -7.08 16.08 -9.76
N LYS A 108 -8.27 15.71 -9.29
CA LYS A 108 -8.73 16.18 -8.00
C LYS A 108 -9.04 15.12 -6.95
N HIS A 109 -9.24 13.87 -7.39
CA HIS A 109 -9.51 12.75 -6.50
C HIS A 109 -8.52 11.64 -6.84
N LEU A 110 -7.93 11.06 -5.80
CA LEU A 110 -6.97 9.97 -5.94
C LEU A 110 -7.52 8.73 -5.22
N TYR A 111 -7.88 7.72 -5.99
CA TYR A 111 -8.39 6.47 -5.44
C TYR A 111 -7.22 5.48 -5.27
N MET A 112 -7.04 4.97 -4.06
CA MET A 112 -6.00 3.99 -3.77
C MET A 112 -6.71 2.67 -3.52
N LEU A 113 -6.72 1.79 -4.53
CA LEU A 113 -7.38 0.50 -4.42
C LEU A 113 -6.43 -0.61 -4.02
N SER A 114 -6.69 -1.25 -2.87
CA SER A 114 -5.82 -2.33 -2.41
C SER A 114 -6.56 -3.49 -1.77
N THR A 115 -5.89 -4.64 -1.76
CA THR A 115 -6.39 -5.86 -1.13
C THR A 115 -5.25 -6.51 -0.36
N GLY A 116 -5.56 -7.06 0.81
CA GLY A 116 -4.56 -7.71 1.62
C GLY A 116 -3.36 -6.85 1.90
N THR A 117 -2.16 -7.36 1.59
CA THR A 117 -0.93 -6.64 1.82
C THR A 117 -0.66 -5.51 0.84
N GLY A 118 -1.51 -5.38 -0.17
CA GLY A 118 -1.37 -4.32 -1.16
C GLY A 118 -1.54 -2.94 -0.55
N LEU A 119 -1.93 -2.92 0.72
CA LEU A 119 -2.12 -1.69 1.49
C LEU A 119 -0.77 -1.04 1.80
N ALA A 120 0.27 -1.88 1.87
CA ALA A 120 1.64 -1.46 2.20
C ALA A 120 2.16 -0.17 1.57
N PRO A 121 2.24 -0.10 0.23
CA PRO A 121 2.75 1.13 -0.39
C PRO A 121 1.88 2.35 -0.10
N PHE A 122 0.58 2.13 0.14
CA PHE A 122 -0.34 3.23 0.41
C PHE A 122 -0.17 3.84 1.79
N MET A 123 0.43 3.08 2.71
CA MET A 123 0.67 3.56 4.06
C MET A 123 1.70 4.69 4.07
N SER A 124 2.62 4.68 3.10
CA SER A 124 3.64 5.73 2.98
C SER A 124 3.06 6.92 2.22
N LEU A 125 2.15 6.63 1.30
CA LEU A 125 1.49 7.64 0.49
C LEU A 125 0.49 8.50 1.25
N ILE A 126 -0.23 7.90 2.21
CA ILE A 126 -1.21 8.67 2.99
C ILE A 126 -0.57 9.53 4.09
N GLN A 127 0.74 9.39 4.25
CA GLN A 127 1.49 10.18 5.22
C GLN A 127 2.41 11.14 4.48
N ASP A 128 2.17 11.28 3.17
CA ASP A 128 2.96 12.15 2.32
C ASP A 128 2.18 13.46 2.13
N PRO A 129 2.66 14.57 2.72
CA PRO A 129 1.95 15.84 2.58
C PRO A 129 1.74 16.31 1.15
N GLU A 130 2.49 15.74 0.22
CA GLU A 130 2.38 16.11 -1.18
C GLU A 130 1.07 15.64 -1.84
N VAL A 131 0.61 14.42 -1.49
CA VAL A 131 -0.63 13.91 -2.09
C VAL A 131 -1.81 14.78 -1.63
N TYR A 132 -1.69 15.35 -0.44
CA TYR A 132 -2.73 16.21 0.10
C TYR A 132 -2.69 17.55 -0.60
N GLU A 133 -1.52 17.93 -1.10
CA GLU A 133 -1.32 19.18 -1.81
C GLU A 133 -1.81 19.08 -3.25
N ARG A 134 -1.70 17.88 -3.84
CA ARG A 134 -2.12 17.66 -5.22
C ARG A 134 -3.59 17.32 -5.43
N PHE A 135 -4.22 16.67 -4.45
CA PHE A 135 -5.62 16.25 -4.58
C PHE A 135 -6.61 16.84 -3.58
N GLU A 136 -7.87 16.95 -3.97
CA GLU A 136 -8.92 17.48 -3.10
C GLU A 136 -9.42 16.40 -2.14
N LYS A 137 -9.48 15.17 -2.63
CA LYS A 137 -9.94 14.03 -1.84
C LYS A 137 -9.05 12.84 -2.15
N VAL A 138 -8.76 12.07 -1.10
CA VAL A 138 -7.95 10.86 -1.23
C VAL A 138 -8.77 9.74 -0.64
N VAL A 139 -9.12 8.76 -1.47
CA VAL A 139 -9.92 7.63 -1.04
C VAL A 139 -9.07 6.38 -0.93
N LEU A 140 -8.93 5.89 0.30
CA LEU A 140 -8.14 4.69 0.56
C LEU A 140 -9.10 3.52 0.76
N ILE A 141 -9.11 2.60 -0.20
CA ILE A 141 -9.95 1.42 -0.14
C ILE A 141 -9.08 0.21 0.19
N HIS A 142 -9.42 -0.51 1.25
CA HIS A 142 -8.67 -1.69 1.63
C HIS A 142 -9.62 -2.89 1.70
N GLY A 143 -9.57 -3.72 0.66
CA GLY A 143 -10.41 -4.91 0.59
C GLY A 143 -9.79 -6.07 1.34
N VAL A 144 -10.60 -6.78 2.12
CA VAL A 144 -10.09 -7.89 2.92
C VAL A 144 -11.10 -9.03 3.09
N ARG A 145 -10.65 -10.17 3.63
CA ARG A 145 -11.52 -11.33 3.83
C ARG A 145 -12.19 -11.41 5.19
N GLN A 146 -11.45 -11.05 6.22
CA GLN A 146 -11.92 -11.11 7.60
C GLN A 146 -11.61 -9.82 8.30
N VAL A 147 -12.39 -9.50 9.32
CA VAL A 147 -12.21 -8.27 10.07
C VAL A 147 -10.82 -8.10 10.71
N ASN A 148 -10.24 -9.18 11.24
CA ASN A 148 -8.93 -9.10 11.87
C ASN A 148 -7.76 -8.82 10.91
N GLU A 149 -8.05 -8.76 9.62
CA GLU A 149 -7.04 -8.51 8.61
C GLU A 149 -6.94 -7.01 8.26
N LEU A 150 -7.81 -6.21 8.86
CA LEU A 150 -7.79 -4.77 8.64
C LEU A 150 -6.69 -4.10 9.47
N ALA A 151 -5.44 -4.39 9.12
CA ALA A 151 -4.27 -3.84 9.78
C ALA A 151 -4.26 -2.32 9.66
N TYR A 152 -3.66 -1.66 10.65
CA TYR A 152 -3.53 -0.20 10.71
C TYR A 152 -4.84 0.57 10.91
N GLN A 153 -5.94 -0.15 11.18
CA GLN A 153 -7.26 0.45 11.41
C GLN A 153 -7.24 1.65 12.33
N GLN A 154 -6.76 1.44 13.56
CA GLN A 154 -6.69 2.50 14.55
C GLN A 154 -5.76 3.61 14.12
N PHE A 155 -4.61 3.24 13.55
CA PHE A 155 -3.62 4.22 13.09
C PHE A 155 -4.24 5.20 12.09
N ILE A 156 -4.89 4.63 11.07
CA ILE A 156 -5.53 5.43 10.02
C ILE A 156 -6.69 6.27 10.55
N THR A 157 -7.52 5.63 11.37
CA THR A 157 -8.72 6.21 11.96
C THR A 157 -8.55 7.14 13.15
N GLU A 158 -7.75 6.73 14.12
CA GLU A 158 -7.54 7.54 15.31
C GLU A 158 -6.28 8.42 15.26
N HIS A 159 -5.11 7.80 15.17
CA HIS A 159 -3.84 8.52 15.17
C HIS A 159 -3.53 9.53 14.05
N LEU A 160 -3.74 9.15 12.81
CA LEU A 160 -3.46 10.04 11.67
C LEU A 160 -4.19 11.37 11.75
N PRO A 161 -5.52 11.35 12.03
CA PRO A 161 -6.25 12.62 12.12
C PRO A 161 -5.70 13.53 13.23
N GLN A 162 -5.04 12.93 14.22
CA GLN A 162 -4.45 13.65 15.34
C GLN A 162 -3.10 14.28 15.05
N SER A 163 -2.48 13.91 13.93
CA SER A 163 -1.17 14.43 13.53
C SER A 163 -1.09 15.94 13.65
N GLU A 164 0.01 16.41 14.22
CA GLU A 164 0.21 17.83 14.39
C GLU A 164 0.72 18.48 13.10
N TYR A 165 1.29 17.67 12.22
CA TYR A 165 1.83 18.17 10.97
C TYR A 165 0.94 18.14 9.74
N PHE A 166 -0.06 17.25 9.73
CA PHE A 166 -0.97 17.18 8.60
C PHE A 166 -2.29 16.53 8.98
N GLY A 167 -2.61 16.57 10.28
CA GLY A 167 -3.84 16.00 10.79
C GLY A 167 -5.07 16.68 10.21
N GLU A 168 -4.97 18.00 9.99
CA GLU A 168 -6.06 18.77 9.42
C GLU A 168 -6.38 18.27 8.01
N ALA A 169 -5.34 18.05 7.21
CA ALA A 169 -5.50 17.56 5.85
C ALA A 169 -6.15 16.18 5.84
N VAL A 170 -5.75 15.33 6.78
CA VAL A 170 -6.31 13.99 6.87
C VAL A 170 -7.82 14.05 7.11
N LYS A 171 -8.23 14.73 8.18
CA LYS A 171 -9.64 14.88 8.53
C LYS A 171 -10.48 15.48 7.41
N GLU A 172 -9.85 16.37 6.66
CA GLU A 172 -10.48 17.10 5.57
C GLU A 172 -10.47 16.40 4.20
N LYS A 173 -9.43 15.64 3.91
CA LYS A 173 -9.30 14.99 2.60
C LYS A 173 -9.27 13.46 2.53
N LEU A 174 -8.95 12.79 3.62
CA LEU A 174 -8.86 11.33 3.61
C LEU A 174 -10.13 10.55 3.95
N ILE A 175 -10.56 9.73 2.99
CA ILE A 175 -11.74 8.88 3.17
C ILE A 175 -11.27 7.43 3.20
N TYR A 176 -11.37 6.81 4.37
CA TYR A 176 -10.98 5.42 4.56
C TYR A 176 -12.22 4.56 4.36
N TYR A 177 -12.15 3.62 3.42
CA TYR A 177 -13.28 2.74 3.12
C TYR A 177 -12.85 1.26 3.07
N PRO A 178 -12.85 0.59 4.22
CA PRO A 178 -12.46 -0.82 4.25
C PRO A 178 -13.67 -1.68 3.87
N THR A 179 -13.40 -2.79 3.20
CA THR A 179 -14.45 -3.71 2.80
C THR A 179 -14.02 -5.11 3.21
N VAL A 180 -14.96 -5.87 3.78
CA VAL A 180 -14.71 -7.22 4.23
C VAL A 180 -15.57 -8.18 3.43
N THR A 181 -14.94 -9.23 2.93
CA THR A 181 -15.60 -10.22 2.08
C THR A 181 -16.35 -11.38 2.81
N ARG A 182 -15.66 -12.12 3.67
CA ARG A 182 -16.25 -13.29 4.37
C ARG A 182 -16.98 -13.10 5.70
N GLU A 183 -16.78 -11.98 6.40
CA GLU A 183 -17.45 -11.78 7.69
C GLU A 183 -18.38 -10.57 7.73
N SER A 184 -19.31 -10.58 8.68
CA SER A 184 -20.27 -9.49 8.86
C SER A 184 -19.51 -8.17 8.97
N PHE A 185 -19.85 -7.24 8.09
CA PHE A 185 -19.18 -5.95 8.07
C PHE A 185 -20.11 -4.92 7.44
N HIS A 186 -19.99 -3.67 7.84
CA HIS A 186 -20.84 -2.60 7.31
C HIS A 186 -20.60 -2.24 5.84
N ASN A 187 -19.43 -2.62 5.33
CA ASN A 187 -19.05 -2.43 3.93
C ASN A 187 -18.81 -3.86 3.46
N GLN A 188 -19.90 -4.54 3.13
CA GLN A 188 -19.87 -5.93 2.71
C GLN A 188 -19.61 -6.13 1.21
N GLY A 189 -18.67 -7.02 0.89
CA GLY A 189 -18.36 -7.32 -0.50
C GLY A 189 -16.97 -6.95 -0.98
N ARG A 190 -16.71 -7.26 -2.25
CA ARG A 190 -15.43 -6.96 -2.90
C ARG A 190 -15.48 -5.55 -3.47
N LEU A 191 -14.42 -4.79 -3.25
CA LEU A 191 -14.35 -3.41 -3.73
C LEU A 191 -14.63 -3.24 -5.22
N THR A 192 -14.30 -4.27 -6.01
CA THR A 192 -14.54 -4.25 -7.44
C THR A 192 -16.03 -4.23 -7.78
N ASP A 193 -16.83 -4.98 -7.01
CA ASP A 193 -18.29 -5.05 -7.22
C ASP A 193 -18.98 -3.78 -6.76
N LEU A 194 -18.52 -3.23 -5.63
CA LEU A 194 -19.07 -2.01 -5.05
C LEU A 194 -18.78 -0.75 -5.89
N MET A 195 -17.70 -0.78 -6.64
CA MET A 195 -17.30 0.33 -7.51
C MET A 195 -18.00 0.21 -8.87
N ARG A 196 -18.10 -1.01 -9.37
CA ARG A 196 -18.75 -1.23 -10.66
C ARG A 196 -20.23 -0.88 -10.61
N SER A 197 -20.89 -1.21 -9.49
CA SER A 197 -22.30 -0.92 -9.36
C SER A 197 -22.55 0.56 -9.09
N GLY A 198 -21.52 1.24 -8.59
CA GLY A 198 -21.63 2.64 -8.28
C GLY A 198 -22.02 2.90 -6.84
N LYS A 199 -22.19 1.85 -6.05
CA LYS A 199 -22.57 2.02 -4.64
C LYS A 199 -21.50 2.71 -3.81
N LEU A 200 -20.25 2.36 -4.06
CA LEU A 200 -19.12 2.92 -3.33
C LEU A 200 -19.13 4.45 -3.32
N PHE A 201 -19.37 5.06 -4.49
CA PHE A 201 -19.40 6.51 -4.63
C PHE A 201 -20.57 7.09 -3.85
N GLU A 202 -21.68 6.37 -3.85
CA GLU A 202 -22.91 6.76 -3.15
C GLU A 202 -22.64 6.77 -1.63
N ASP A 203 -21.93 5.76 -1.16
CA ASP A 203 -21.58 5.63 0.25
C ASP A 203 -20.61 6.73 0.70
N ILE A 204 -19.62 7.06 -0.15
CA ILE A 204 -18.64 8.09 0.22
C ILE A 204 -18.97 9.53 -0.15
N GLY A 205 -20.11 9.74 -0.81
CA GLY A 205 -20.50 11.10 -1.16
C GLY A 205 -19.82 11.76 -2.33
N LEU A 206 -19.07 10.99 -3.10
CA LEU A 206 -18.38 11.51 -4.28
C LEU A 206 -19.11 11.04 -5.54
N PRO A 207 -19.03 11.82 -6.62
CA PRO A 207 -19.70 11.43 -7.87
C PRO A 207 -18.96 10.29 -8.56
N PRO A 208 -19.60 9.61 -9.52
CA PRO A 208 -18.95 8.50 -10.23
C PRO A 208 -17.65 8.94 -10.90
N ILE A 209 -16.73 7.99 -11.06
CA ILE A 209 -15.42 8.23 -11.65
C ILE A 209 -15.44 8.62 -13.13
N ASN A 210 -14.62 9.61 -13.49
CA ASN A 210 -14.50 10.09 -14.86
C ASN A 210 -13.00 10.33 -15.15
N PRO A 211 -12.57 10.13 -16.40
CA PRO A 211 -11.16 10.33 -16.78
C PRO A 211 -10.61 11.75 -16.77
N GLN A 212 -11.39 12.70 -16.26
CA GLN A 212 -10.93 14.07 -16.22
C GLN A 212 -10.62 14.53 -14.81
N ASP A 213 -11.39 14.04 -13.85
CA ASP A 213 -11.22 14.43 -12.46
C ASP A 213 -10.61 13.35 -11.59
N ASP A 214 -10.61 12.11 -12.08
CA ASP A 214 -10.13 11.01 -11.26
C ASP A 214 -8.88 10.23 -11.66
N ARG A 215 -8.05 10.00 -10.66
CA ARG A 215 -6.81 9.25 -10.84
C ARG A 215 -6.84 8.12 -9.84
N ALA A 216 -6.13 7.04 -10.15
CA ALA A 216 -6.11 5.90 -9.25
C ALA A 216 -4.79 5.15 -9.25
N MET A 217 -4.58 4.38 -8.20
CA MET A 217 -3.40 3.52 -8.03
C MET A 217 -3.97 2.19 -7.56
N ILE A 218 -3.53 1.09 -8.16
CA ILE A 218 -4.04 -0.22 -7.79
C ILE A 218 -2.90 -1.16 -7.38
N CYS A 219 -3.08 -1.83 -6.25
CA CYS A 219 -2.10 -2.79 -5.75
C CYS A 219 -2.86 -3.91 -5.05
N GLY A 220 -2.80 -5.10 -5.65
CA GLY A 220 -3.48 -6.26 -5.10
C GLY A 220 -3.07 -7.50 -5.86
N SER A 221 -3.78 -8.60 -5.63
CA SER A 221 -3.48 -9.85 -6.31
C SER A 221 -3.60 -9.67 -7.83
N PRO A 222 -2.82 -10.44 -8.62
CA PRO A 222 -2.86 -10.33 -10.08
C PRO A 222 -4.28 -10.41 -10.69
N SER A 223 -5.16 -11.16 -10.03
CA SER A 223 -6.53 -11.31 -10.50
C SER A 223 -7.35 -10.08 -10.16
N MET A 224 -7.10 -9.52 -8.97
CA MET A 224 -7.79 -8.32 -8.52
C MET A 224 -7.47 -7.14 -9.42
N LEU A 225 -6.27 -7.17 -10.00
CA LEU A 225 -5.79 -6.13 -10.90
C LEU A 225 -6.55 -6.16 -12.23
N ASP A 226 -6.66 -7.35 -12.83
CA ASP A 226 -7.37 -7.52 -14.09
C ASP A 226 -8.81 -7.07 -13.94
N GLU A 227 -9.39 -7.44 -12.79
CA GLU A 227 -10.76 -7.09 -12.45
C GLU A 227 -10.91 -5.59 -12.22
N SER A 228 -9.90 -4.97 -11.59
CA SER A 228 -9.93 -3.53 -11.31
C SER A 228 -9.73 -2.70 -12.57
N CYS A 229 -8.87 -3.18 -13.46
CA CYS A 229 -8.63 -2.48 -14.72
C CYS A 229 -9.91 -2.49 -15.56
N GLU A 230 -10.58 -3.63 -15.56
CA GLU A 230 -11.83 -3.82 -16.28
C GLU A 230 -12.86 -2.80 -15.78
N VAL A 231 -12.92 -2.61 -14.47
CA VAL A 231 -13.86 -1.66 -13.87
C VAL A 231 -13.51 -0.21 -14.22
N LEU A 232 -12.23 0.15 -14.10
CA LEU A 232 -11.80 1.52 -14.41
C LEU A 232 -11.86 1.85 -15.90
N ASP A 233 -11.61 0.88 -16.76
CA ASP A 233 -11.67 1.11 -18.21
C ASP A 233 -13.13 1.39 -18.59
N GLY A 234 -14.05 0.84 -17.80
CA GLY A 234 -15.48 1.03 -18.03
C GLY A 234 -15.92 2.47 -17.80
N PHE A 235 -15.25 3.16 -16.88
CA PHE A 235 -15.56 4.56 -16.61
C PHE A 235 -14.84 5.47 -17.60
N GLY A 236 -14.01 4.86 -18.44
CA GLY A 236 -13.27 5.61 -19.45
C GLY A 236 -11.84 6.01 -19.12
N LEU A 237 -11.29 5.56 -18.00
CA LEU A 237 -9.90 5.91 -17.62
C LEU A 237 -8.88 5.19 -18.47
N LYS A 238 -7.73 5.83 -18.69
CA LYS A 238 -6.67 5.26 -19.50
C LYS A 238 -5.43 4.97 -18.64
N ILE A 239 -4.97 3.73 -18.65
CA ILE A 239 -3.80 3.35 -17.86
C ILE A 239 -2.51 3.94 -18.45
N SER A 240 -1.54 4.19 -17.58
CA SER A 240 -0.24 4.70 -18.02
C SER A 240 0.43 3.55 -18.80
N PRO A 241 0.90 3.83 -20.03
CA PRO A 241 1.55 2.85 -20.91
C PRO A 241 2.86 2.22 -20.41
N ARG A 242 3.65 2.97 -19.66
CA ARG A 242 4.92 2.47 -19.15
C ARG A 242 5.40 3.32 -17.97
N MET A 243 6.30 2.73 -17.16
CA MET A 243 6.87 3.44 -16.02
C MET A 243 7.60 4.68 -16.53
N GLY A 244 7.17 5.85 -16.10
CA GLY A 244 7.79 7.08 -16.56
C GLY A 244 6.86 7.88 -17.46
N GLU A 245 5.82 7.21 -17.95
CA GLU A 245 4.83 7.84 -18.80
C GLU A 245 3.56 8.05 -17.98
N PRO A 246 3.10 9.30 -17.85
CA PRO A 246 1.88 9.59 -17.08
C PRO A 246 0.56 9.12 -17.69
N GLY A 247 -0.36 8.68 -16.82
CA GLY A 247 -1.68 8.21 -17.26
C GLY A 247 -2.74 8.50 -16.22
N ASP A 248 -3.95 7.97 -16.41
CA ASP A 248 -5.07 8.16 -15.48
C ASP A 248 -4.92 7.30 -14.23
N TYR A 249 -4.30 6.14 -14.38
CA TYR A 249 -4.09 5.25 -13.25
C TYR A 249 -2.86 4.35 -13.40
N LEU A 250 -2.39 3.85 -12.26
CA LEU A 250 -1.21 3.00 -12.16
C LEU A 250 -1.53 1.69 -11.45
N ILE A 251 -0.90 0.60 -11.88
CA ILE A 251 -1.11 -0.71 -11.25
C ILE A 251 0.22 -1.36 -10.90
N GLU A 252 0.19 -2.23 -9.90
CA GLU A 252 1.37 -2.97 -9.47
C GLU A 252 0.86 -4.18 -8.69
N ARG A 253 1.52 -5.31 -8.86
CA ARG A 253 1.12 -6.52 -8.16
C ARG A 253 1.64 -6.51 -6.72
N ALA A 254 0.79 -6.93 -5.78
CA ALA A 254 1.15 -6.97 -4.36
C ALA A 254 2.02 -8.19 -4.12
N PHE A 255 1.85 -9.19 -4.98
CA PHE A 255 2.61 -10.44 -4.92
C PHE A 255 2.45 -11.17 -6.25
N VAL A 256 3.19 -12.26 -6.43
CA VAL A 256 3.13 -13.00 -7.66
C VAL A 256 2.62 -14.40 -7.43
N GLU A 257 1.99 -14.95 -8.46
CA GLU A 257 1.49 -16.31 -8.42
C GLU A 257 2.64 -17.21 -8.87
N LYS A 258 3.21 -17.94 -7.91
CA LYS A 258 4.31 -18.85 -8.20
C LYS A 258 3.74 -20.25 -8.25
#